data_7OPS
#
_entry.id   7OPS
#
_cell.length_a   78.130
_cell.length_b   79.106
_cell.length_c   80.245
_cell.angle_alpha   90.000
_cell.angle_beta   90.000
_cell.angle_gamma   90.000
#
_symmetry.space_group_name_H-M   'P 21 21 21'
#
loop_
_entity.id
_entity.type
_entity.pdbx_description
1 polymer 'Serine/threonine-protein kinase haspin'
2 non-polymer 2-methylsulfanyl-10-nitro-pyrido[3,4-g]quinazoline
3 non-polymer GLYCEROL
4 water water
#
_entity_poly.entity_id   1
_entity_poly.type   'polypeptide(L)'
_entity_poly.pdbx_seq_one_letter_code
;MHHHHHHSSGVDLGTENLYFQSMGECSQKGPVPFSHCLPTEKLQRCEKIGEGVFGEVFQTIADHTPVAIKIIAIEGPDLV
NGSHQKTFEEILPEIIISKELSLLSGEVCNRTEGFIGLNSVHCVQGSYPPLLLKAWDHYNSTKGSANDRPDFFKDDQLFI
VLEFEFGGIDLEQMRTKLSSLATAKSILHQLTASLAVAEASLRFEHRDLHWGNVLLKKTSLKKLHYTLNGKSSTIPSCGL
QVSIIDYTLSRLERDGIVVFCDVSMDEDLFTGDGDYQFDIYRLMKKENNNRWGEYHPYSNVLWLHYLTDKMLKQMTFKTK
CNTPAMKQIKRKIQEFHRTMLNFSSATDLLCQHSLFK
;
_entity_poly.pdbx_strand_id   A
#
# COMPACT_ATOMS: atom_id res chain seq x y z
N GLY A 30 15.36 -23.50 -8.20
CA GLY A 30 13.95 -23.98 -8.28
C GLY A 30 13.10 -23.47 -7.12
N PRO A 31 11.85 -23.96 -6.98
CA PRO A 31 11.02 -23.61 -5.83
C PRO A 31 11.39 -24.36 -4.55
N VAL A 32 11.01 -23.81 -3.41
CA VAL A 32 11.35 -24.34 -2.05
C VAL A 32 10.03 -24.65 -1.35
N PRO A 33 10.03 -25.51 -0.30
CA PRO A 33 8.80 -25.80 0.43
C PRO A 33 8.45 -24.63 1.36
N PHE A 34 7.21 -24.58 1.81
CA PHE A 34 6.73 -23.54 2.76
C PHE A 34 7.69 -23.45 3.94
N SER A 35 8.18 -24.58 4.42
CA SER A 35 9.04 -24.70 5.61
C SER A 35 10.30 -23.82 5.47
N HIS A 36 10.85 -23.67 4.25
CA HIS A 36 11.99 -22.74 3.95
C HIS A 36 11.64 -21.30 4.37
N CYS A 37 10.41 -20.87 4.14
CA CYS A 37 9.92 -19.51 4.46
C CYS A 37 9.38 -19.45 5.87
N LEU A 38 8.77 -20.55 6.32
CA LEU A 38 8.06 -20.62 7.61
C LEU A 38 8.48 -21.89 8.34
N PRO A 39 9.69 -21.93 8.92
CA PRO A 39 10.02 -23.01 9.84
C PRO A 39 8.97 -23.07 10.97
N THR A 40 8.87 -24.22 11.63
CA THR A 40 7.80 -24.58 12.61
C THR A 40 7.41 -23.36 13.46
N GLU A 41 8.39 -22.83 14.19
CA GLU A 41 8.30 -21.69 15.13
C GLU A 41 7.48 -20.55 14.49
N LYS A 42 7.94 -20.07 13.35
CA LYS A 42 7.39 -18.91 12.61
C LYS A 42 5.96 -19.23 12.14
N LEU A 43 5.74 -20.47 11.68
CA LEU A 43 4.43 -20.97 11.22
C LEU A 43 3.43 -21.00 12.40
N GLN A 44 3.84 -21.48 13.57
CA GLN A 44 2.99 -21.62 14.77
C GLN A 44 2.58 -20.25 15.29
N ARG A 45 3.32 -19.21 14.96
CA ARG A 45 3.02 -17.85 15.45
C ARG A 45 2.23 -17.05 14.40
N CYS A 46 1.90 -17.62 13.24
CA CYS A 46 1.16 -16.92 12.15
C CYS A 46 -0.27 -16.59 12.63
N GLU A 47 -0.66 -15.31 12.62
CA GLU A 47 -2.08 -14.82 12.68
C GLU A 47 -2.46 -14.18 11.36
N LYS A 48 -3.65 -14.45 10.84
CA LYS A 48 -4.15 -13.80 9.61
C LYS A 48 -4.54 -12.35 9.94
N ILE A 49 -4.11 -11.39 9.11
CA ILE A 49 -4.37 -9.94 9.34
C ILE A 49 -5.05 -9.31 8.11
N GLY A 50 -5.15 -10.03 6.99
CA GLY A 50 -5.65 -9.44 5.75
C GLY A 50 -5.90 -10.49 4.68
N GLU A 51 -6.65 -10.08 3.66
CA GLU A 51 -7.03 -10.93 2.51
C GLU A 51 -7.45 -10.04 1.34
N GLY A 52 -7.47 -10.62 0.15
CA GLY A 52 -8.06 -10.09 -1.07
C GLY A 52 -8.29 -11.21 -2.04
N VAL A 53 -8.81 -10.90 -3.24
CA VAL A 53 -8.92 -11.88 -4.36
C VAL A 53 -7.55 -12.54 -4.54
N PHE A 54 -6.48 -11.75 -4.44
CA PHE A 54 -5.06 -12.17 -4.64
C PHE A 54 -4.71 -13.35 -3.72
N GLY A 55 -5.22 -13.38 -2.48
CA GLY A 55 -4.82 -14.38 -1.49
C GLY A 55 -4.84 -13.85 -0.07
N GLU A 56 -3.80 -14.15 0.71
CA GLU A 56 -3.85 -14.11 2.19
C GLU A 56 -2.62 -13.35 2.72
N VAL A 57 -2.79 -12.63 3.83
CA VAL A 57 -1.68 -11.96 4.58
C VAL A 57 -1.72 -12.43 6.04
N PHE A 58 -0.58 -12.90 6.51
CA PHE A 58 -0.35 -13.39 7.88
C PHE A 58 0.67 -12.51 8.55
N GLN A 59 0.47 -12.27 9.84
CA GLN A 59 1.46 -11.68 10.74
C GLN A 59 2.19 -12.81 11.46
N THR A 60 3.50 -12.71 11.59
CA THR A 60 4.29 -13.62 12.44
C THR A 60 5.53 -12.90 12.96
N ILE A 61 6.36 -13.64 13.69
CA ILE A 61 7.52 -13.12 14.46
C ILE A 61 8.71 -13.96 14.06
N ALA A 62 9.82 -13.32 13.77
CA ALA A 62 11.15 -13.96 13.67
C ALA A 62 12.20 -13.00 14.21
N ASP A 63 13.12 -13.52 15.05
CA ASP A 63 14.13 -12.72 15.79
C ASP A 63 13.39 -11.55 16.47
N HIS A 64 12.31 -11.87 17.18
CA HIS A 64 11.57 -10.99 18.14
C HIS A 64 10.89 -9.87 17.37
N THR A 65 10.76 -10.02 16.07
CA THR A 65 10.42 -8.92 15.15
C THR A 65 9.21 -9.31 14.31
N PRO A 66 8.08 -8.60 14.45
CA PRO A 66 6.91 -8.91 13.64
C PRO A 66 7.18 -8.66 12.13
N VAL A 67 6.61 -9.53 11.29
CA VAL A 67 6.66 -9.44 9.81
C VAL A 67 5.26 -9.81 9.28
N ALA A 68 4.97 -9.43 8.05
CA ALA A 68 3.73 -9.76 7.30
C ALA A 68 4.10 -10.62 6.10
N ILE A 69 3.36 -11.69 5.88
CA ILE A 69 3.61 -12.70 4.84
C ILE A 69 2.46 -12.62 3.86
N LYS A 70 2.72 -12.17 2.64
CA LYS A 70 1.69 -12.13 1.60
C LYS A 70 1.85 -13.35 0.71
N ILE A 71 0.82 -14.17 0.60
CA ILE A 71 0.89 -15.49 -0.08
C ILE A 71 -0.07 -15.48 -1.25
N ILE A 72 0.46 -15.69 -2.45
CA ILE A 72 -0.29 -15.60 -3.74
C ILE A 72 -0.08 -16.89 -4.52
N ALA A 73 -1.16 -17.56 -4.90
CA ALA A 73 -1.14 -18.77 -5.75
C ALA A 73 -0.85 -18.35 -7.19
N ILE A 74 0.04 -19.05 -7.87
CA ILE A 74 0.37 -18.71 -9.27
C ILE A 74 0.40 -19.97 -10.13
N GLU A 75 0.05 -19.81 -11.43
CA GLU A 75 0.41 -20.70 -12.57
C GLU A 75 -0.58 -21.88 -12.66
N GLY A 76 -1.55 -21.93 -11.75
CA GLY A 76 -2.50 -23.05 -11.61
C GLY A 76 -3.79 -22.78 -12.38
N PRO A 77 -4.53 -23.84 -12.72
CA PRO A 77 -5.80 -23.73 -13.46
C PRO A 77 -7.06 -23.54 -12.57
N ASP A 78 -6.96 -23.77 -11.27
CA ASP A 78 -8.08 -23.54 -10.32
C ASP A 78 -8.38 -22.03 -10.18
N LEU A 79 -9.65 -21.66 -10.19
CA LEU A 79 -10.13 -20.34 -9.70
C LEU A 79 -9.76 -20.25 -8.24
N VAL A 80 -9.34 -19.07 -7.79
CA VAL A 80 -9.09 -18.80 -6.35
C VAL A 80 -9.80 -17.51 -5.99
N ASN A 81 -10.67 -17.57 -4.99
CA ASN A 81 -11.53 -16.43 -4.58
C ASN A 81 -12.31 -15.93 -5.82
N GLY A 82 -12.65 -16.84 -6.74
CA GLY A 82 -13.49 -16.57 -7.91
C GLY A 82 -12.73 -15.93 -9.08
N SER A 83 -11.40 -15.95 -9.10
CA SER A 83 -10.60 -15.42 -10.24
C SER A 83 -9.50 -16.39 -10.62
N HIS A 84 -9.05 -16.31 -11.88
CA HIS A 84 -7.89 -17.05 -12.41
C HIS A 84 -6.66 -16.63 -11.64
N GLN A 85 -5.78 -17.57 -11.36
CA GLN A 85 -4.45 -17.30 -10.77
C GLN A 85 -3.64 -16.50 -11.79
N LYS A 86 -2.82 -15.58 -11.31
CA LYS A 86 -1.78 -14.95 -12.13
C LYS A 86 -0.71 -15.97 -12.48
N THR A 87 -0.13 -15.80 -13.66
CA THR A 87 1.11 -16.46 -14.11
C THR A 87 2.28 -15.78 -13.45
N PHE A 88 3.45 -16.36 -13.53
CA PHE A 88 4.70 -15.77 -13.01
C PHE A 88 4.87 -14.39 -13.64
N GLU A 89 4.66 -14.30 -14.93
CA GLU A 89 4.88 -13.10 -15.76
C GLU A 89 3.93 -11.99 -15.28
N GLU A 90 2.74 -12.35 -14.84
CA GLU A 90 1.71 -11.38 -14.39
C GLU A 90 2.01 -10.89 -12.97
N ILE A 91 2.73 -11.67 -12.14
CA ILE A 91 3.05 -11.33 -10.72
C ILE A 91 4.42 -10.62 -10.63
N LEU A 92 5.27 -10.79 -11.64
CA LEU A 92 6.61 -10.14 -11.68
C LEU A 92 6.52 -8.65 -11.34
N PRO A 93 5.65 -7.86 -12.01
CA PRO A 93 5.65 -6.42 -11.79
C PRO A 93 5.47 -6.03 -10.30
N GLU A 94 4.58 -6.70 -9.56
CA GLU A 94 4.43 -6.43 -8.11
C GLU A 94 5.76 -6.76 -7.38
N ILE A 95 6.39 -7.89 -7.70
CA ILE A 95 7.70 -8.29 -7.08
C ILE A 95 8.74 -7.18 -7.36
N ILE A 96 8.88 -6.77 -8.63
CA ILE A 96 9.89 -5.77 -9.05
C ILE A 96 9.63 -4.47 -8.31
N ILE A 97 8.36 -4.01 -8.27
CA ILE A 97 8.01 -2.66 -7.72
C ILE A 97 8.18 -2.67 -6.19
N SER A 98 7.76 -3.73 -5.50
CA SER A 98 7.98 -3.91 -4.03
C SER A 98 9.48 -3.70 -3.71
N LYS A 99 10.38 -4.27 -4.53
CA LYS A 99 11.85 -4.24 -4.31
C LYS A 99 12.35 -2.81 -4.52
N GLU A 100 11.99 -2.22 -5.65
CA GLU A 100 12.40 -0.85 -6.00
C GLU A 100 12.00 0.11 -4.87
N LEU A 101 10.77 0.02 -4.36
CA LEU A 101 10.29 1.00 -3.36
C LEU A 101 10.90 0.71 -1.98
N SER A 102 11.13 -0.56 -1.64
CA SER A 102 11.87 -0.93 -0.42
C SER A 102 13.27 -0.31 -0.46
N LEU A 103 13.92 -0.32 -1.63
CA LEU A 103 15.34 0.11 -1.76
C LEU A 103 15.46 1.62 -1.53
N LEU A 104 14.39 2.40 -1.74
CA LEU A 104 14.42 3.87 -1.53
C LEU A 104 14.83 4.19 -0.09
N SER A 105 14.65 3.27 0.87
CA SER A 105 15.01 3.52 2.29
C SER A 105 16.52 3.62 2.44
N GLY A 106 17.27 3.09 1.48
CA GLY A 106 18.74 3.04 1.55
C GLY A 106 19.43 3.92 0.51
N GLU A 107 18.68 4.76 -0.22
CA GLU A 107 19.23 5.60 -1.32
C GLU A 107 19.66 6.95 -0.75
N VAL A 108 20.21 7.83 -1.58
CA VAL A 108 20.84 9.12 -1.13
C VAL A 108 20.11 10.32 -1.75
N CYS A 109 20.08 10.46 -3.07
CA CYS A 109 19.42 11.62 -3.75
C CYS A 109 17.90 11.56 -3.56
N ASN A 110 17.31 10.37 -3.66
CA ASN A 110 15.86 10.15 -3.48
C ASN A 110 15.64 9.01 -2.48
N ARG A 111 15.38 9.38 -1.23
CA ARG A 111 15.39 8.47 -0.06
C ARG A 111 14.08 8.67 0.71
N THR A 112 13.36 7.60 0.99
CA THR A 112 12.15 7.60 1.83
C THR A 112 11.99 6.24 2.47
N GLU A 113 11.39 6.20 3.66
CA GLU A 113 10.93 4.94 4.32
C GLU A 113 9.41 4.80 4.19
N GLY A 114 8.75 5.64 3.39
CA GLY A 114 7.28 5.79 3.36
C GLY A 114 6.58 4.68 2.60
N PHE A 115 7.33 3.78 1.97
CA PHE A 115 6.82 2.52 1.39
C PHE A 115 7.10 1.43 2.41
N ILE A 116 6.90 0.16 2.08
CA ILE A 116 7.06 -0.95 3.07
C ILE A 116 8.35 -1.72 2.75
N GLY A 117 9.14 -1.97 3.78
CA GLY A 117 10.36 -2.77 3.65
C GLY A 117 10.02 -4.16 3.20
N LEU A 118 10.71 -4.64 2.18
CA LEU A 118 10.59 -6.01 1.67
C LEU A 118 11.76 -6.87 2.19
N ASN A 119 11.51 -7.79 3.11
CA ASN A 119 12.57 -8.67 3.68
C ASN A 119 13.00 -9.72 2.65
N SER A 120 12.08 -10.31 1.88
CA SER A 120 12.40 -11.45 0.98
C SER A 120 11.23 -11.77 0.07
N VAL A 121 11.53 -12.48 -1.01
CA VAL A 121 10.58 -13.06 -1.97
C VAL A 121 10.99 -14.49 -2.25
N HIS A 122 10.04 -15.42 -2.22
CA HIS A 122 10.28 -16.85 -2.47
C HIS A 122 9.20 -17.37 -3.40
N CYS A 123 9.56 -18.31 -4.24
CA CYS A 123 8.60 -19.15 -4.95
C CYS A 123 8.49 -20.47 -4.21
N VAL A 124 7.31 -20.76 -3.70
CA VAL A 124 7.03 -21.91 -2.81
C VAL A 124 6.18 -22.95 -3.58
N GLN A 125 6.45 -24.23 -3.36
CA GLN A 125 5.64 -25.35 -3.92
C GLN A 125 5.14 -26.24 -2.78
N GLY A 126 3.85 -26.59 -2.82
CA GLY A 126 3.20 -27.43 -1.81
C GLY A 126 1.72 -27.14 -1.65
N SER A 127 1.03 -28.01 -0.93
CA SER A 127 -0.30 -27.75 -0.36
C SER A 127 -0.18 -26.69 0.75
N TYR A 128 -1.28 -26.07 1.12
CA TYR A 128 -1.29 -24.99 2.13
C TYR A 128 -1.00 -25.59 3.48
N PRO A 129 -0.06 -25.04 4.26
CA PRO A 129 0.23 -25.58 5.58
C PRO A 129 -1.04 -25.63 6.41
N PRO A 130 -1.37 -26.78 7.02
CA PRO A 130 -2.47 -26.85 7.99
C PRO A 130 -2.46 -25.73 9.06
N LEU A 131 -1.28 -25.30 9.48
CA LEU A 131 -1.16 -24.27 10.54
C LEU A 131 -1.58 -22.90 9.99
N LEU A 132 -1.41 -22.64 8.70
CA LEU A 132 -1.97 -21.45 8.01
C LEU A 132 -3.50 -21.58 7.86
N LEU A 133 -4.01 -22.77 7.62
CA LEU A 133 -5.47 -23.04 7.59
C LEU A 133 -6.09 -22.74 8.94
N LYS A 134 -5.38 -23.07 10.03
CA LYS A 134 -5.84 -22.85 11.42
C LYS A 134 -5.94 -21.33 11.65
N ALA A 135 -4.93 -20.58 11.27
CA ALA A 135 -4.95 -19.09 11.34
C ALA A 135 -6.10 -18.55 10.50
N TRP A 136 -6.34 -19.15 9.31
CA TRP A 136 -7.36 -18.73 8.33
C TRP A 136 -8.76 -18.91 8.94
N ASP A 137 -8.96 -20.04 9.64
CA ASP A 137 -10.25 -20.42 10.28
C ASP A 137 -10.56 -19.48 11.44
N HIS A 138 -9.56 -19.12 12.27
CA HIS A 138 -9.77 -18.21 13.41
C HIS A 138 -10.29 -16.86 12.88
N TYR A 139 -9.72 -16.40 11.78
CA TYR A 139 -10.06 -15.10 11.15
C TYR A 139 -11.50 -15.17 10.66
N ASN A 140 -11.83 -16.25 9.96
CA ASN A 140 -13.16 -16.49 9.36
C ASN A 140 -14.22 -16.51 10.48
N SER A 141 -13.88 -17.08 11.63
CA SER A 141 -14.76 -17.18 12.83
C SER A 141 -15.01 -15.77 13.42
N THR A 142 -13.96 -15.02 13.70
CA THR A 142 -14.03 -13.74 14.45
C THR A 142 -14.47 -12.62 13.50
N LYS A 143 -13.81 -12.46 12.35
CA LYS A 143 -14.00 -11.28 11.44
C LYS A 143 -14.84 -11.67 10.22
N GLY A 144 -14.86 -12.95 9.85
CA GLY A 144 -15.50 -13.45 8.61
C GLY A 144 -14.67 -13.13 7.37
N SER A 145 -14.74 -13.99 6.34
CA SER A 145 -13.89 -13.93 5.12
C SER A 145 -14.74 -13.99 3.85
N ALA A 146 -14.29 -13.30 2.81
CA ALA A 146 -14.85 -13.31 1.43
C ALA A 146 -14.14 -14.37 0.58
N ASN A 147 -13.08 -15.03 1.11
CA ASN A 147 -12.22 -15.97 0.33
C ASN A 147 -12.70 -17.42 0.51
N ASP A 148 -12.44 -18.25 -0.49
CA ASP A 148 -12.38 -19.73 -0.36
C ASP A 148 -11.34 -20.11 0.71
N ARG A 149 -11.70 -21.03 1.59
CA ARG A 149 -10.74 -21.77 2.43
C ARG A 149 -9.67 -22.35 1.51
N PRO A 150 -8.39 -21.92 1.64
CA PRO A 150 -7.36 -22.33 0.69
C PRO A 150 -6.82 -23.74 1.01
N ASP A 151 -7.71 -24.73 1.09
CA ASP A 151 -7.41 -26.12 1.53
C ASP A 151 -7.41 -27.08 0.33
N PHE A 152 -7.65 -26.58 -0.88
CA PHE A 152 -7.92 -27.40 -2.10
C PHE A 152 -6.69 -27.49 -3.00
N PHE A 153 -5.55 -26.97 -2.56
CA PHE A 153 -4.29 -26.92 -3.35
C PHE A 153 -3.55 -28.28 -3.24
N LYS A 154 -3.04 -28.79 -4.36
CA LYS A 154 -2.23 -30.03 -4.47
C LYS A 154 -0.75 -29.72 -4.16
N ASP A 155 0.10 -30.75 -4.06
CA ASP A 155 1.51 -30.63 -3.61
C ASP A 155 2.40 -30.03 -4.73
N ASP A 156 1.89 -29.85 -5.97
CA ASP A 156 2.64 -29.21 -7.10
C ASP A 156 2.32 -27.70 -7.20
N GLN A 157 1.41 -27.18 -6.36
CA GLN A 157 0.90 -25.78 -6.46
C GLN A 157 2.04 -24.81 -6.18
N LEU A 158 2.23 -23.80 -7.03
CA LEU A 158 3.21 -22.72 -6.82
C LEU A 158 2.53 -21.53 -6.15
N PHE A 159 3.27 -20.88 -5.24
CA PHE A 159 2.90 -19.58 -4.63
C PHE A 159 4.11 -18.68 -4.68
N ILE A 160 3.86 -17.37 -4.73
CA ILE A 160 4.82 -16.30 -4.37
C ILE A 160 4.55 -15.95 -2.92
N VAL A 161 5.60 -15.98 -2.09
CA VAL A 161 5.56 -15.52 -0.67
C VAL A 161 6.42 -14.26 -0.55
N LEU A 162 5.77 -13.13 -0.33
CA LEU A 162 6.42 -11.83 -0.08
C LEU A 162 6.46 -11.57 1.42
N GLU A 163 7.65 -11.45 2.00
CA GLU A 163 7.76 -11.09 3.42
C GLU A 163 8.13 -9.62 3.54
N PHE A 164 7.30 -8.89 4.26
CA PHE A 164 7.43 -7.44 4.50
C PHE A 164 7.75 -7.18 5.97
N GLU A 165 8.43 -6.08 6.24
CA GLU A 165 8.41 -5.45 7.58
C GLU A 165 6.97 -5.14 7.95
N PHE A 166 6.62 -5.34 9.20
CA PHE A 166 5.27 -5.08 9.71
C PHE A 166 5.08 -3.57 9.76
N GLY A 167 4.06 -3.06 9.09
CA GLY A 167 3.89 -1.61 8.84
C GLY A 167 2.82 -1.00 9.70
N GLY A 168 2.13 -1.84 10.47
CA GLY A 168 1.01 -1.47 11.36
C GLY A 168 -0.33 -1.82 10.73
N ILE A 169 -1.32 -0.97 10.94
CA ILE A 169 -2.75 -1.23 10.61
C ILE A 169 -3.25 -0.10 9.68
N ASP A 170 -4.12 -0.44 8.76
CA ASP A 170 -4.53 0.44 7.65
C ASP A 170 -5.43 1.57 8.18
N LEU A 171 -5.50 2.64 7.42
CA LEU A 171 -6.17 3.90 7.75
C LEU A 171 -7.70 3.67 7.89
N GLU A 172 -8.28 2.78 7.08
CA GLU A 172 -9.71 2.36 7.18
C GLU A 172 -9.99 1.86 8.59
N GLN A 173 -9.22 0.89 9.06
CA GLN A 173 -9.40 0.24 10.38
C GLN A 173 -9.09 1.25 11.48
N MET A 174 -8.40 2.33 11.17
CA MET A 174 -8.10 3.42 12.13
C MET A 174 -9.13 4.57 12.00
N ARG A 175 -10.26 4.35 11.32
CA ARG A 175 -11.26 5.43 11.04
C ARG A 175 -11.51 6.24 12.33
N THR A 176 -11.63 5.58 13.48
CA THR A 176 -12.19 6.18 14.74
C THR A 176 -11.08 6.24 15.82
N LYS A 177 -9.83 6.07 15.42
CA LYS A 177 -8.72 5.75 16.35
C LYS A 177 -7.68 6.89 16.39
N LEU A 178 -7.67 7.77 15.41
CA LEU A 178 -6.68 8.89 15.36
C LEU A 178 -7.11 9.95 16.34
N SER A 179 -6.16 10.73 16.84
CA SER A 179 -6.36 11.63 18.00
C SER A 179 -6.97 12.97 17.55
N SER A 180 -6.54 13.50 16.40
CA SER A 180 -6.99 14.82 15.87
C SER A 180 -6.60 14.99 14.39
N LEU A 181 -7.11 16.05 13.77
CA LEU A 181 -6.78 16.41 12.36
C LEU A 181 -5.28 16.76 12.22
N ALA A 182 -4.62 17.22 13.29
CA ALA A 182 -3.14 17.40 13.33
C ALA A 182 -2.45 16.17 12.77
N THR A 183 -2.87 14.99 13.23
CA THR A 183 -2.36 13.67 12.78
C THR A 183 -2.62 13.51 11.28
N ALA A 184 -3.80 13.92 10.83
CA ALA A 184 -4.20 13.84 9.40
C ALA A 184 -3.15 14.58 8.54
N LYS A 185 -2.70 15.73 8.99
CA LYS A 185 -1.79 16.58 8.22
C LYS A 185 -0.47 15.82 8.05
N SER A 186 0.07 15.29 9.14
CA SER A 186 1.29 14.45 9.15
C SER A 186 1.12 13.30 8.15
N ILE A 187 -0.01 12.59 8.19
CA ILE A 187 -0.21 11.44 7.28
C ILE A 187 -0.15 11.93 5.81
N LEU A 188 -0.84 13.02 5.46
CA LEU A 188 -0.93 13.53 4.07
C LEU A 188 0.45 14.01 3.60
N HIS A 189 1.22 14.60 4.53
CA HIS A 189 2.59 15.08 4.31
C HIS A 189 3.53 13.90 4.06
N GLN A 190 3.49 12.87 4.92
CA GLN A 190 4.28 11.63 4.76
C GLN A 190 3.97 11.02 3.39
N LEU A 191 2.68 10.93 3.06
CA LEU A 191 2.22 10.29 1.80
C LEU A 191 2.72 11.08 0.59
N THR A 192 2.55 12.41 0.60
CA THR A 192 2.95 13.31 -0.53
C THR A 192 4.49 13.22 -0.73
N ALA A 193 5.26 13.37 0.33
CA ALA A 193 6.74 13.29 0.30
C ALA A 193 7.16 11.93 -0.29
N SER A 194 6.61 10.81 0.21
CA SER A 194 6.95 9.44 -0.25
C SER A 194 6.68 9.32 -1.76
N LEU A 195 5.53 9.77 -2.21
CA LEU A 195 5.13 9.66 -3.63
C LEU A 195 6.04 10.55 -4.48
N ALA A 196 6.38 11.73 -3.98
CA ALA A 196 7.30 12.69 -4.67
C ALA A 196 8.67 12.04 -4.86
N VAL A 197 9.21 11.45 -3.81
CA VAL A 197 10.53 10.79 -3.87
C VAL A 197 10.49 9.69 -4.94
N ALA A 198 9.43 8.88 -4.95
CA ALA A 198 9.24 7.78 -5.91
C ALA A 198 9.04 8.33 -7.33
N GLU A 199 8.28 9.42 -7.48
CA GLU A 199 8.15 10.15 -8.77
C GLU A 199 9.57 10.46 -9.29
N ALA A 200 10.41 11.09 -8.47
CA ALA A 200 11.70 11.65 -8.92
C ALA A 200 12.65 10.50 -9.30
N SER A 201 12.60 9.43 -8.53
CA SER A 201 13.52 8.29 -8.60
C SER A 201 13.12 7.35 -9.73
N LEU A 202 11.82 7.11 -9.90
CA LEU A 202 11.33 5.89 -10.57
C LEU A 202 10.20 6.22 -11.53
N ARG A 203 9.78 7.48 -11.61
CA ARG A 203 8.56 7.89 -12.39
C ARG A 203 7.41 6.96 -11.99
N PHE A 204 7.17 6.91 -10.68
CA PHE A 204 6.25 5.99 -10.00
C PHE A 204 4.82 6.53 -9.96
N GLU A 205 3.84 5.63 -10.20
CA GLU A 205 2.42 5.84 -9.84
C GLU A 205 1.93 4.63 -9.04
N HIS A 206 1.31 4.85 -7.88
CA HIS A 206 0.70 3.76 -7.07
C HIS A 206 -0.51 3.16 -7.83
N ARG A 207 -1.46 4.02 -8.23
CA ARG A 207 -2.63 3.72 -9.12
C ARG A 207 -3.73 2.97 -8.35
N ASP A 208 -3.56 2.68 -7.06
CA ASP A 208 -4.61 2.00 -6.26
C ASP A 208 -4.45 2.29 -4.76
N LEU A 209 -4.27 3.56 -4.40
CA LEU A 209 -3.96 3.98 -3.01
C LEU A 209 -5.27 4.33 -2.27
N HIS A 210 -6.15 3.34 -2.14
CA HIS A 210 -7.30 3.38 -1.23
C HIS A 210 -6.77 3.26 0.20
N TRP A 211 -7.61 3.60 1.18
CA TRP A 211 -7.19 3.79 2.59
C TRP A 211 -6.91 2.44 3.23
N GLY A 212 -7.13 1.35 2.51
CA GLY A 212 -6.69 0.00 2.90
C GLY A 212 -5.19 -0.16 2.71
N ASN A 213 -4.60 0.67 1.84
CA ASN A 213 -3.17 0.59 1.39
C ASN A 213 -2.30 1.67 2.09
N VAL A 214 -2.81 2.31 3.13
CA VAL A 214 -2.03 3.24 4.00
C VAL A 214 -1.96 2.61 5.39
N LEU A 215 -0.77 2.24 5.83
CA LEU A 215 -0.54 1.60 7.14
C LEU A 215 0.02 2.63 8.11
N LEU A 216 -0.35 2.54 9.37
CA LEU A 216 0.18 3.44 10.42
C LEU A 216 0.75 2.60 11.55
N LYS A 217 1.83 3.09 12.12
CA LYS A 217 2.64 2.46 13.16
C LYS A 217 3.09 3.57 14.10
N LYS A 218 2.94 3.36 15.42
CA LYS A 218 3.57 4.22 16.47
C LYS A 218 5.07 4.34 16.18
N THR A 219 5.63 5.54 16.32
CA THR A 219 7.09 5.81 16.36
C THR A 219 7.37 6.78 17.49
N SER A 220 8.47 6.61 18.18
CA SER A 220 8.95 7.54 19.24
C SER A 220 9.73 8.70 18.60
N LEU A 221 9.99 8.63 17.29
CA LEU A 221 10.66 9.72 16.52
C LEU A 221 9.68 10.89 16.35
N LYS A 222 10.15 12.11 16.59
CA LYS A 222 9.35 13.35 16.48
C LYS A 222 9.40 13.84 15.04
N LYS A 223 10.58 13.89 14.45
CA LYS A 223 10.82 14.22 13.02
C LYS A 223 11.03 12.92 12.22
N LEU A 224 10.49 12.86 11.01
CA LEU A 224 10.84 11.83 10.01
C LEU A 224 11.58 12.52 8.87
N HIS A 225 12.53 11.82 8.25
CA HIS A 225 13.52 12.34 7.28
C HIS A 225 13.19 11.79 5.90
N TYR A 226 13.36 12.60 4.87
CA TYR A 226 13.34 12.18 3.45
C TYR A 226 14.30 13.06 2.69
N THR A 227 14.78 12.57 1.57
CA THR A 227 15.60 13.34 0.62
C THR A 227 14.92 13.28 -0.75
N LEU A 228 14.76 14.43 -1.38
CA LEU A 228 14.18 14.58 -2.74
C LEU A 228 15.16 15.42 -3.57
N ASN A 229 15.63 14.87 -4.70
CA ASN A 229 16.61 15.53 -5.61
C ASN A 229 17.81 16.08 -4.82
N GLY A 230 18.28 15.37 -3.81
CA GLY A 230 19.50 15.73 -3.06
C GLY A 230 19.23 16.61 -1.86
N LYS A 231 18.00 17.06 -1.68
CA LYS A 231 17.60 18.07 -0.65
C LYS A 231 16.80 17.37 0.46
N SER A 232 17.35 17.36 1.69
CA SER A 232 16.82 16.64 2.89
C SER A 232 15.89 17.55 3.67
N SER A 233 14.71 17.08 4.03
CA SER A 233 13.82 17.79 4.97
C SER A 233 13.22 16.78 5.93
N THR A 234 12.42 17.27 6.87
CA THR A 234 11.81 16.49 7.95
C THR A 234 10.32 16.77 7.95
N ILE A 235 9.56 15.80 8.45
CA ILE A 235 8.09 15.90 8.65
C ILE A 235 7.83 15.53 10.10
N PRO A 236 7.13 16.36 10.89
CA PRO A 236 6.74 15.97 12.25
C PRO A 236 5.82 14.75 12.18
N SER A 237 6.13 13.70 12.95
CA SER A 237 5.45 12.37 12.88
C SER A 237 4.05 12.42 13.50
N CYS A 238 3.83 13.31 14.48
CA CYS A 238 2.70 13.24 15.44
C CYS A 238 2.58 11.81 15.97
N GLY A 239 3.72 11.13 16.18
CA GLY A 239 3.77 9.78 16.78
C GLY A 239 3.35 8.68 15.81
N LEU A 240 3.24 8.96 14.50
CA LEU A 240 2.92 7.91 13.49
C LEU A 240 3.95 7.88 12.35
N GLN A 241 4.15 6.69 11.83
CA GLN A 241 4.99 6.38 10.67
C GLN A 241 4.08 5.72 9.63
N VAL A 242 3.96 6.34 8.46
CA VAL A 242 3.09 5.85 7.35
C VAL A 242 3.92 4.91 6.46
N SER A 243 3.29 3.83 6.00
CA SER A 243 3.83 2.90 5.00
C SER A 243 2.78 2.67 3.92
N ILE A 244 3.09 3.04 2.69
CA ILE A 244 2.28 2.73 1.50
C ILE A 244 2.53 1.27 1.10
N ILE A 245 1.45 0.49 0.92
CA ILE A 245 1.52 -0.95 0.54
C ILE A 245 0.78 -1.20 -0.78
N ASP A 246 0.98 -2.41 -1.34
CA ASP A 246 0.13 -3.08 -2.36
C ASP A 246 0.36 -2.43 -3.72
N TYR A 247 1.27 -3.00 -4.52
CA TYR A 247 1.77 -2.42 -5.78
C TYR A 247 1.27 -3.25 -6.97
N THR A 248 0.06 -3.80 -6.81
CA THR A 248 -0.56 -4.72 -7.77
C THR A 248 -1.01 -3.97 -9.04
N LEU A 249 -1.32 -2.68 -8.95
CA LEU A 249 -1.72 -1.87 -10.14
C LEU A 249 -0.65 -0.82 -10.47
N SER A 250 0.46 -0.82 -9.76
CA SER A 250 1.45 0.29 -9.78
C SER A 250 2.28 0.27 -11.08
N ARG A 251 3.03 1.34 -11.31
CA ARG A 251 3.82 1.58 -12.54
C ARG A 251 5.10 2.31 -12.15
N LEU A 252 6.20 2.00 -12.79
CA LEU A 252 7.45 2.81 -12.69
C LEU A 252 8.37 2.41 -13.82
N GLU A 253 9.57 2.93 -13.83
CA GLU A 253 10.51 2.71 -14.94
C GLU A 253 11.93 2.97 -14.46
N ARG A 254 12.87 2.25 -15.05
CA ARG A 254 14.33 2.45 -14.90
C ARG A 254 14.93 2.36 -16.29
N ASP A 255 15.66 3.38 -16.70
CA ASP A 255 16.38 3.41 -17.97
C ASP A 255 15.37 3.11 -19.09
N GLY A 256 14.14 3.65 -18.95
CA GLY A 256 13.10 3.63 -19.99
C GLY A 256 12.47 2.26 -20.17
N ILE A 257 12.74 1.33 -19.25
CA ILE A 257 12.00 0.03 -19.16
C ILE A 257 10.83 0.26 -18.19
N VAL A 258 9.60 0.02 -18.63
CA VAL A 258 8.39 0.37 -17.85
C VAL A 258 7.83 -0.91 -17.25
N VAL A 259 7.54 -0.91 -15.97
CA VAL A 259 6.89 -2.03 -15.28
C VAL A 259 5.52 -1.54 -14.80
N PHE A 260 4.45 -2.23 -15.15
CA PHE A 260 3.08 -1.76 -14.92
C PHE A 260 2.11 -2.92 -15.06
N CYS A 261 0.88 -2.66 -14.68
CA CYS A 261 -0.26 -3.55 -14.91
C CYS A 261 -1.15 -2.96 -16.01
N ASP A 262 -1.21 -3.62 -17.15
CA ASP A 262 -2.01 -3.18 -18.31
C ASP A 262 -3.46 -3.50 -18.02
N VAL A 263 -4.24 -2.51 -17.65
CA VAL A 263 -5.69 -2.66 -17.36
C VAL A 263 -6.52 -1.98 -18.48
N SER A 264 -5.92 -1.78 -19.66
CA SER A 264 -6.57 -1.20 -20.86
C SER A 264 -7.88 -1.96 -21.15
N MET A 265 -7.88 -3.29 -20.97
CA MET A 265 -8.97 -4.20 -21.42
C MET A 265 -9.82 -4.66 -20.22
N ASP A 266 -9.52 -4.20 -19.02
CA ASP A 266 -10.29 -4.54 -17.81
C ASP A 266 -11.65 -3.83 -17.87
N GLU A 267 -12.70 -4.48 -17.42
CA GLU A 267 -14.07 -3.92 -17.43
C GLU A 267 -14.45 -3.48 -16.03
N ASP A 268 -14.36 -4.42 -15.08
CA ASP A 268 -14.89 -4.31 -13.71
C ASP A 268 -14.25 -3.12 -12.99
N LEU A 269 -12.97 -2.85 -13.24
CA LEU A 269 -12.18 -1.82 -12.49
C LEU A 269 -12.83 -0.45 -12.60
N PHE A 270 -13.56 -0.17 -13.70
CA PHE A 270 -14.02 1.20 -14.11
C PHE A 270 -15.53 1.36 -13.90
N THR A 271 -16.20 0.35 -13.36
CA THR A 271 -17.70 0.24 -13.26
C THR A 271 -18.15 0.18 -11.79
N GLY A 272 -17.26 0.42 -10.83
CA GLY A 272 -17.61 0.46 -9.40
C GLY A 272 -18.37 1.72 -9.09
N ASP A 273 -19.17 1.72 -8.02
CA ASP A 273 -19.75 2.94 -7.39
C ASP A 273 -19.88 2.73 -5.87
N GLY A 274 -20.38 3.76 -5.17
CA GLY A 274 -20.61 3.76 -3.71
C GLY A 274 -19.47 4.43 -2.93
N ASP A 275 -18.45 4.97 -3.61
CA ASP A 275 -17.24 5.53 -2.95
C ASP A 275 -16.46 6.31 -4.00
N TYR A 276 -15.89 7.45 -3.60
CA TYR A 276 -15.00 8.28 -4.46
C TYR A 276 -13.86 7.40 -5.04
N GLN A 277 -13.47 6.36 -4.31
CA GLN A 277 -12.46 5.37 -4.76
C GLN A 277 -12.71 4.99 -6.23
N PHE A 278 -13.94 4.65 -6.57
CA PHE A 278 -14.29 3.99 -7.87
C PHE A 278 -14.30 5.03 -8.97
N ASP A 279 -14.42 6.31 -8.59
CA ASP A 279 -14.29 7.47 -9.53
C ASP A 279 -12.83 7.64 -9.94
N ILE A 280 -11.90 7.34 -9.03
CA ILE A 280 -10.45 7.56 -9.29
C ILE A 280 -9.99 6.61 -10.40
N TYR A 281 -10.50 5.38 -10.43
CA TYR A 281 -10.22 4.43 -11.53
C TYR A 281 -10.68 5.09 -12.83
N ARG A 282 -11.88 5.66 -12.86
CA ARG A 282 -12.42 6.33 -14.09
C ARG A 282 -11.55 7.57 -14.41
N LEU A 283 -11.19 8.35 -13.40
CA LEU A 283 -10.48 9.65 -13.59
C LEU A 283 -9.03 9.39 -14.04
N MET A 284 -8.43 8.29 -13.58
CA MET A 284 -7.08 7.86 -14.04
C MET A 284 -7.15 7.54 -15.55
N LYS A 285 -8.17 6.77 -15.97
CA LYS A 285 -8.34 6.28 -17.36
C LYS A 285 -8.58 7.48 -18.30
N LYS A 286 -9.24 8.52 -17.81
CA LYS A 286 -9.48 9.79 -18.57
C LYS A 286 -8.12 10.50 -18.75
N GLU A 287 -7.35 10.63 -17.68
CA GLU A 287 -6.06 11.37 -17.66
C GLU A 287 -5.06 10.74 -18.65
N ASN A 288 -5.06 9.40 -18.78
CA ASN A 288 -3.99 8.64 -19.52
C ASN A 288 -4.57 8.03 -20.82
N ASN A 289 -5.80 8.39 -21.19
CA ASN A 289 -6.44 7.93 -22.46
C ASN A 289 -6.29 6.42 -22.57
N ASN A 290 -6.40 5.71 -21.45
CA ASN A 290 -6.44 4.22 -21.40
C ASN A 290 -5.10 3.64 -21.87
N ARG A 291 -4.03 4.43 -21.80
CA ARG A 291 -2.64 3.99 -22.10
C ARG A 291 -1.83 3.94 -20.80
N TRP A 292 -1.72 2.75 -20.21
CA TRP A 292 -1.29 2.56 -18.79
C TRP A 292 0.23 2.44 -18.71
N GLY A 293 0.90 2.40 -19.86
CA GLY A 293 2.37 2.39 -19.94
C GLY A 293 2.93 3.78 -19.77
N GLU A 294 2.16 4.81 -20.13
CA GLU A 294 2.62 6.21 -20.05
C GLU A 294 2.80 6.58 -18.58
N TYR A 295 3.67 7.55 -18.30
CA TYR A 295 3.83 8.20 -16.99
C TYR A 295 2.83 9.35 -16.88
N HIS A 296 1.82 9.24 -16.02
CA HIS A 296 0.90 10.36 -15.63
C HIS A 296 0.88 10.49 -14.11
N PRO A 297 1.80 11.29 -13.53
CA PRO A 297 1.91 11.40 -12.07
C PRO A 297 0.70 12.10 -11.43
N TYR A 298 -0.18 12.70 -12.23
CA TYR A 298 -1.46 13.26 -11.72
C TYR A 298 -2.28 12.18 -11.02
N SER A 299 -2.05 10.91 -11.36
CA SER A 299 -2.75 9.77 -10.73
C SER A 299 -2.47 9.79 -9.23
N ASN A 300 -1.24 10.13 -8.84
CA ASN A 300 -0.83 10.28 -7.41
C ASN A 300 -1.63 11.41 -6.76
N VAL A 301 -1.84 12.51 -7.48
CA VAL A 301 -2.64 13.67 -6.98
C VAL A 301 -4.11 13.22 -6.76
N LEU A 302 -4.69 12.52 -7.73
CA LEU A 302 -6.05 11.94 -7.60
C LEU A 302 -6.15 11.15 -6.29
N TRP A 303 -5.26 10.17 -6.09
CA TRP A 303 -5.29 9.30 -4.90
C TRP A 303 -5.10 10.14 -3.63
N LEU A 304 -4.19 11.12 -3.65
CA LEU A 304 -3.99 12.03 -2.49
C LEU A 304 -5.27 12.84 -2.22
N HIS A 305 -6.00 13.23 -3.27
CA HIS A 305 -7.32 13.94 -3.14
C HIS A 305 -8.37 13.01 -2.52
N TYR A 306 -8.44 11.76 -2.99
CA TYR A 306 -9.29 10.70 -2.40
C TYR A 306 -8.96 10.56 -0.88
N LEU A 307 -7.69 10.46 -0.55
CA LEU A 307 -7.27 10.26 0.86
C LEU A 307 -7.63 11.49 1.68
N THR A 308 -7.35 12.69 1.15
CA THR A 308 -7.68 13.98 1.84
C THR A 308 -9.19 14.03 2.09
N ASP A 309 -9.96 13.60 1.10
CA ASP A 309 -11.43 13.56 1.13
C ASP A 309 -11.86 12.61 2.25
N LYS A 310 -11.18 11.46 2.35
CA LYS A 310 -11.46 10.45 3.41
C LYS A 310 -11.19 11.09 4.79
N MET A 311 -10.09 11.81 4.94
CA MET A 311 -9.72 12.49 6.22
C MET A 311 -10.86 13.42 6.70
N LEU A 312 -11.51 14.15 5.78
CA LEU A 312 -12.48 15.21 6.13
C LEU A 312 -13.89 14.61 6.32
N LYS A 313 -14.22 13.48 5.68
CA LYS A 313 -15.63 13.03 5.51
C LYS A 313 -15.89 11.70 6.22
N GLN A 314 -14.90 10.83 6.35
CA GLN A 314 -15.16 9.46 6.88
C GLN A 314 -14.31 9.21 8.13
N MET A 315 -13.13 9.79 8.25
CA MET A 315 -12.37 9.74 9.52
C MET A 315 -13.17 10.54 10.56
N THR A 316 -13.18 10.06 11.81
CA THR A 316 -13.70 10.79 12.99
C THR A 316 -12.65 10.69 14.10
N PHE A 317 -12.33 11.81 14.72
CA PHE A 317 -11.19 11.96 15.65
C PHE A 317 -11.70 11.99 17.09
N LYS A 318 -10.87 11.51 18.02
CA LYS A 318 -11.17 11.41 19.48
C LYS A 318 -11.33 12.82 20.03
N THR A 319 -10.48 13.74 19.54
CA THR A 319 -10.49 15.19 19.84
C THR A 319 -10.74 15.96 18.55
N LYS A 320 -11.92 16.58 18.46
CA LYS A 320 -12.31 17.55 17.40
C LYS A 320 -11.42 18.80 17.51
N CYS A 321 -11.56 19.73 16.59
CA CYS A 321 -10.81 21.01 16.58
C CYS A 321 -11.58 22.04 17.41
N ASN A 322 -11.16 22.23 18.66
CA ASN A 322 -11.89 23.08 19.66
C ASN A 322 -11.06 24.36 19.92
N THR A 323 -9.71 24.28 19.92
CA THR A 323 -8.76 25.42 20.13
C THR A 323 -8.54 26.16 18.80
N PRO A 324 -7.93 27.38 18.81
CA PRO A 324 -7.85 28.21 17.60
C PRO A 324 -6.82 27.72 16.57
N ALA A 325 -5.65 27.24 17.03
CA ALA A 325 -4.52 26.77 16.20
C ALA A 325 -4.91 25.48 15.45
N MET A 326 -5.91 24.77 15.97
CA MET A 326 -6.41 23.47 15.45
C MET A 326 -7.39 23.73 14.31
N LYS A 327 -8.32 24.66 14.51
CA LYS A 327 -9.31 25.09 13.50
C LYS A 327 -8.57 25.70 12.31
N GLN A 328 -7.33 26.18 12.52
CA GLN A 328 -6.44 26.63 11.43
C GLN A 328 -6.02 25.40 10.60
N ILE A 329 -5.50 24.37 11.25
CA ILE A 329 -5.09 23.09 10.59
C ILE A 329 -6.27 22.55 9.78
N LYS A 330 -7.47 22.56 10.35
CA LYS A 330 -8.70 22.07 9.67
C LYS A 330 -8.94 22.89 8.39
N ARG A 331 -8.79 24.21 8.44
CA ARG A 331 -9.08 25.14 7.32
C ARG A 331 -8.04 24.85 6.23
N LYS A 332 -6.81 24.61 6.61
CA LYS A 332 -5.71 24.36 5.64
C LYS A 332 -5.92 23.01 4.95
N ILE A 333 -6.52 22.03 5.59
CA ILE A 333 -6.79 20.70 4.95
C ILE A 333 -8.00 20.83 4.00
N GLN A 334 -9.02 21.58 4.39
CA GLN A 334 -10.16 21.92 3.52
C GLN A 334 -9.64 22.64 2.27
N GLU A 335 -8.73 23.59 2.46
CA GLU A 335 -8.11 24.40 1.38
C GLU A 335 -7.30 23.47 0.48
N PHE A 336 -6.58 22.51 1.06
CA PHE A 336 -5.83 21.44 0.34
C PHE A 336 -6.79 20.69 -0.56
N HIS A 337 -7.89 20.21 0.02
CA HIS A 337 -8.93 19.40 -0.68
C HIS A 337 -9.47 20.20 -1.87
N ARG A 338 -9.62 21.49 -1.69
CA ARG A 338 -10.27 22.42 -2.64
C ARG A 338 -9.32 22.73 -3.82
N THR A 339 -8.01 22.60 -3.66
CA THR A 339 -7.00 23.18 -4.59
C THR A 339 -6.14 22.08 -5.23
N MET A 340 -5.92 20.97 -4.53
CA MET A 340 -4.80 20.03 -4.83
C MET A 340 -4.93 19.46 -6.25
N LEU A 341 -6.15 19.38 -6.79
CA LEU A 341 -6.43 18.81 -8.14
C LEU A 341 -5.84 19.68 -9.26
N ASN A 342 -5.39 20.89 -8.94
CA ASN A 342 -4.78 21.86 -9.91
C ASN A 342 -3.25 21.77 -9.84
N PHE A 343 -2.72 20.68 -9.26
CA PHE A 343 -1.28 20.34 -9.21
C PHE A 343 -1.06 19.08 -10.04
N SER A 344 0.11 18.98 -10.67
CA SER A 344 0.39 18.04 -11.78
C SER A 344 1.02 16.73 -11.24
N SER A 345 1.51 16.72 -10.01
CA SER A 345 2.23 15.58 -9.40
C SER A 345 2.26 15.71 -7.87
N ALA A 346 2.64 14.65 -7.16
CA ALA A 346 2.91 14.71 -5.72
C ALA A 346 4.11 15.65 -5.49
N THR A 347 5.03 15.69 -6.42
CA THR A 347 6.21 16.57 -6.38
C THR A 347 5.72 18.04 -6.36
N ASP A 348 4.84 18.39 -7.29
CA ASP A 348 4.24 19.74 -7.42
C ASP A 348 3.54 20.09 -6.09
N LEU A 349 2.71 19.18 -5.57
CA LEU A 349 2.05 19.40 -4.27
C LEU A 349 3.12 19.68 -3.21
N LEU A 350 4.14 18.84 -3.11
CA LEU A 350 5.10 18.88 -1.97
C LEU A 350 5.79 20.23 -1.96
N CYS A 351 6.22 20.69 -3.13
CA CYS A 351 7.11 21.85 -3.27
C CYS A 351 6.30 23.15 -3.49
N GLN A 352 5.05 23.11 -3.97
CA GLN A 352 4.28 24.33 -4.33
C GLN A 352 3.10 24.55 -3.39
N HIS A 353 2.49 23.50 -2.80
CA HIS A 353 1.27 23.67 -1.96
C HIS A 353 1.61 24.34 -0.62
N SER A 354 0.72 25.22 -0.16
CA SER A 354 0.88 26.08 1.03
C SER A 354 0.75 25.26 2.32
N LEU A 355 0.07 24.12 2.26
CA LEU A 355 -0.14 23.24 3.44
C LEU A 355 1.24 22.83 3.99
N PHE A 356 2.26 22.75 3.14
CA PHE A 356 3.59 22.16 3.44
C PHE A 356 4.65 23.23 3.59
N LYS A 357 4.25 24.49 3.74
CA LYS A 357 5.18 25.59 4.05
C LYS A 357 4.97 26.00 5.51
#